data_5IDM
#
_entry.id   5IDM
#
_cell.length_a   56.280
_cell.length_b   62.110
_cell.length_c   103.890
_cell.angle_alpha   90.000
_cell.angle_beta   90.000
_cell.angle_gamma   90.000
#
_symmetry.space_group_name_H-M   'P 21 21 21'
#
loop_
_entity.id
_entity.type
_entity.pdbx_description
1 polymer 'Cell cycle histidine kinase CckA'
2 non-polymer 'PHOSPHOAMINOPHOSPHONIC ACID-ADENYLATE ESTER'
3 non-polymer 'MAGNESIUM ION'
4 non-polymer "9,9'-[(2R,3R,3aS,5S,7aR,9R,10R,10aS,12S,14aR)-3,5,10,12-tetrahydroxy-5,12-dioxidooctahydro-2H,7H-difuro[3,2-d:3',2'-j][1,3,7,9,2,8]tetraoxadiphosphacyclododecine-2,9-diyl]bis(2-amino-1,9-dihydro-6H-purin-6-one)"
5 water water
#
_entity_poly.entity_id   1
_entity_poly.type   'polypeptide(L)'
_entity_poly.pdbx_seq_one_letter_code
;VQREVLDLGELISEFEVLLRRLLREDVKLITDYGRDLPQVRADKSQLETAVMNLAVNARDAVRAAKGGGVVRIRTARLTR
DEAIQLGFPAADGDTAFIEVSDDGPGIPPDVMGKIFDPFFTTKPVGEGTGLGLATVYGIVKQSDGWIHVHSRPNEGAAFR
IFLPVYEAPAALEHHHHHH
;
_entity_poly.pdbx_strand_id   A,B
#
loop_
_chem_comp.id
_chem_comp.type
_chem_comp.name
_chem_comp.formula
ANP non-polymer 'PHOSPHOAMINOPHOSPHONIC ACID-ADENYLATE ESTER' 'C10 H17 N6 O12 P3'
C2E non-polymer 9,9'-[(2R,3R,3aS,5S,7aR,9R,10R,10aS,12S,14aR)-3,5,10,12-tetrahydroxy-5,12-dioxidooctahydro-2H,7H-difuro[3,2-d:3',2'-j][1,3,7,9,2,8]tetraoxadiphosphacyclododecine-2,9-diyl]bis(2-amino-1,9-dihydro-6H-purin-6-one) 'C20 H24 N10 O14 P2'
MG non-polymer 'MAGNESIUM ION' 'Mg 2'
#
# COMPACT_ATOMS: atom_id res chain seq x y z
N VAL A 1 -8.11 7.06 0.20
CA VAL A 1 -7.69 5.67 0.56
C VAL A 1 -6.72 5.71 1.73
N GLN A 2 -7.05 4.97 2.79
CA GLN A 2 -6.23 4.87 4.00
C GLN A 2 -5.90 3.39 4.22
N ARG A 3 -5.03 2.86 3.36
CA ARG A 3 -4.59 1.47 3.50
C ARG A 3 -3.86 1.22 4.79
N GLU A 4 -4.13 0.09 5.42
CA GLU A 4 -3.38 -0.36 6.58
C GLU A 4 -3.27 -1.88 6.57
N VAL A 5 -2.35 -2.38 7.41
CA VAL A 5 -2.17 -3.81 7.61
C VAL A 5 -3.25 -4.26 8.58
N LEU A 6 -4.02 -5.27 8.17
CA LEU A 6 -5.20 -5.73 8.91
C LEU A 6 -5.12 -7.22 9.13
N ASP A 7 -5.40 -7.68 10.35
CA ASP A 7 -5.61 -9.11 10.59
C ASP A 7 -7.01 -9.45 10.12
N LEU A 8 -7.10 -10.43 9.22
CA LEU A 8 -8.37 -10.79 8.58
C LEU A 8 -9.39 -11.31 9.59
N GLY A 9 -8.93 -12.08 10.56
CA GLY A 9 -9.77 -12.60 11.65
C GLY A 9 -10.34 -11.52 12.52
N GLU A 10 -9.49 -10.59 12.95
CA GLU A 10 -9.92 -9.47 13.78
C GLU A 10 -10.91 -8.59 13.04
N LEU A 11 -10.61 -8.32 11.76
CA LEU A 11 -11.47 -7.50 10.90
C LEU A 11 -12.91 -8.00 10.87
N ILE A 12 -13.09 -9.28 10.57
CA ILE A 12 -14.42 -9.86 10.41
C ILE A 12 -15.08 -10.08 11.77
N SER A 13 -14.37 -10.67 12.74
CA SER A 13 -14.96 -10.95 14.06
C SER A 13 -15.44 -9.69 14.78
N GLU A 14 -14.65 -8.63 14.72
CA GLU A 14 -15.08 -7.37 15.33
C GLU A 14 -16.30 -6.78 14.60
N PHE A 15 -16.30 -6.87 13.28
CA PHE A 15 -17.37 -6.32 12.48
C PHE A 15 -18.66 -7.13 12.57
N GLU A 16 -18.51 -8.46 12.74
CA GLU A 16 -19.61 -9.40 12.96
C GLU A 16 -20.61 -8.94 14.02
N VAL A 17 -20.11 -8.36 15.10
CA VAL A 17 -20.96 -7.93 16.21
C VAL A 17 -21.90 -6.82 15.71
N LEU A 18 -21.33 -5.85 14.99
CA LEU A 18 -22.08 -4.73 14.43
C LEU A 18 -23.06 -5.24 13.33
N LEU A 19 -22.61 -6.21 12.56
CA LEU A 19 -23.42 -6.77 11.49
C LEU A 19 -24.67 -7.49 12.02
N ARG A 20 -24.50 -8.25 13.10
CA ARG A 20 -25.61 -8.92 13.78
C ARG A 20 -26.69 -7.96 14.27
N ARG A 21 -26.30 -6.76 14.71
CA ARG A 21 -27.25 -5.70 15.05
C ARG A 21 -28.02 -5.22 13.84
N LEU A 22 -27.33 -5.02 12.73
CA LEU A 22 -27.95 -4.58 11.49
C LEU A 22 -28.97 -5.62 10.97
N LEU A 23 -28.60 -6.89 11.01
CA LEU A 23 -29.45 -7.99 10.52
C LEU A 23 -30.55 -8.47 11.50
N ARG A 24 -30.39 -8.27 12.81
CA ARG A 24 -31.42 -8.65 13.82
C ARG A 24 -31.62 -10.19 13.79
N GLU A 25 -32.86 -10.69 13.86
CA GLU A 25 -33.14 -12.12 13.53
C GLU A 25 -33.82 -12.29 12.17
N ASP A 26 -33.43 -11.52 11.16
CA ASP A 26 -33.98 -11.68 9.82
C ASP A 26 -33.37 -12.93 9.18
N VAL A 27 -32.17 -13.29 9.66
CA VAL A 27 -31.42 -14.41 9.16
C VAL A 27 -30.72 -15.03 10.38
N LYS A 28 -30.33 -16.29 10.22
CA LYS A 28 -29.36 -16.92 11.07
C LYS A 28 -28.00 -16.66 10.45
N LEU A 29 -27.17 -15.85 11.12
CA LEU A 29 -25.86 -15.49 10.57
C LEU A 29 -24.86 -16.43 11.21
N ILE A 30 -24.14 -17.19 10.40
CA ILE A 30 -23.13 -18.13 10.88
C ILE A 30 -21.74 -17.73 10.38
N THR A 31 -20.75 -18.22 11.10
CA THR A 31 -19.37 -18.03 10.71
C THR A 31 -18.57 -19.28 10.66
N ASP A 32 -17.45 -19.15 9.97
CA ASP A 32 -16.50 -20.20 9.78
C ASP A 32 -15.17 -19.44 9.58
N TYR A 33 -14.38 -19.36 10.65
CA TYR A 33 -13.06 -18.74 10.66
C TYR A 33 -12.07 -19.85 10.51
N GLY A 34 -11.27 -19.79 9.46
CA GLY A 34 -10.17 -20.73 9.28
C GLY A 34 -9.08 -20.48 10.31
N ARG A 35 -8.14 -21.42 10.39
CA ARG A 35 -6.98 -21.30 11.27
C ARG A 35 -5.86 -20.54 10.56
N ASP A 36 -4.96 -19.94 11.35
CA ASP A 36 -3.75 -19.29 10.85
C ASP A 36 -4.11 -18.26 9.77
N LEU A 37 -5.02 -17.35 10.12
CA LEU A 37 -5.53 -16.40 9.15
C LEU A 37 -4.45 -15.39 8.79
N PRO A 38 -4.39 -14.98 7.51
CA PRO A 38 -3.35 -14.07 7.08
C PRO A 38 -3.67 -12.62 7.42
N GLN A 39 -2.66 -11.76 7.28
CA GLN A 39 -2.86 -10.32 7.23
C GLN A 39 -3.09 -9.92 5.78
N VAL A 40 -3.76 -8.78 5.60
CA VAL A 40 -3.96 -8.15 4.29
C VAL A 40 -3.68 -6.65 4.41
N ARG A 41 -3.48 -5.99 3.27
CA ARG A 41 -3.34 -4.53 3.22
C ARG A 41 -4.51 -3.97 2.46
N ALA A 42 -5.33 -3.19 3.17
CA ALA A 42 -6.54 -2.65 2.60
C ALA A 42 -7.03 -1.48 3.42
N ASP A 43 -7.98 -0.76 2.85
CA ASP A 43 -8.68 0.28 3.56
C ASP A 43 -9.77 -0.43 4.37
N LYS A 44 -9.67 -0.35 5.70
CA LYS A 44 -10.57 -1.07 6.60
C LYS A 44 -12.05 -0.72 6.39
N SER A 45 -12.35 0.57 6.33
CA SER A 45 -13.75 1.00 6.19
C SER A 45 -14.34 0.57 4.86
N GLN A 46 -13.51 0.56 3.81
CA GLN A 46 -13.94 0.06 2.50
C GLN A 46 -14.23 -1.45 2.54
N LEU A 47 -13.36 -2.26 3.13
CA LEU A 47 -13.65 -3.71 3.24
C LEU A 47 -14.89 -3.98 4.06
N GLU A 48 -15.07 -3.23 5.14
CA GLU A 48 -16.29 -3.34 5.94
C GLU A 48 -17.54 -3.03 5.11
N THR A 49 -17.47 -1.97 4.29
CA THR A 49 -18.57 -1.60 3.40
C THR A 49 -18.86 -2.73 2.43
N ALA A 50 -17.82 -3.31 1.83
CA ALA A 50 -17.99 -4.42 0.89
C ALA A 50 -18.67 -5.62 1.53
N VAL A 51 -18.19 -6.03 2.70
CA VAL A 51 -18.79 -7.15 3.44
C VAL A 51 -20.25 -6.84 3.84
N MET A 52 -20.48 -5.64 4.31
CA MET A 52 -21.82 -5.20 4.70
C MET A 52 -22.80 -5.27 3.53
N ASN A 53 -22.38 -4.77 2.35
CA ASN A 53 -23.23 -4.79 1.17
C ASN A 53 -23.58 -6.21 0.75
N LEU A 54 -22.60 -7.12 0.81
CA LEU A 54 -22.84 -8.54 0.54
C LEU A 54 -23.79 -9.16 1.57
N ALA A 55 -23.56 -8.89 2.84
CA ALA A 55 -24.39 -9.44 3.92
C ALA A 55 -25.87 -9.00 3.81
N VAL A 56 -26.10 -7.72 3.52
CA VAL A 56 -27.50 -7.24 3.34
C VAL A 56 -28.16 -7.85 2.10
N ASN A 57 -27.39 -8.03 1.01
CA ASN A 57 -27.90 -8.76 -0.16
C ASN A 57 -28.31 -10.19 0.19
N ALA A 58 -27.49 -10.86 0.99
CA ALA A 58 -27.81 -12.22 1.45
C ALA A 58 -29.11 -12.22 2.26
N ARG A 59 -29.21 -11.24 3.17
CA ARG A 59 -30.45 -11.07 3.94
C ARG A 59 -31.67 -10.84 3.05
N ASP A 60 -31.55 -9.93 2.09
CA ASP A 60 -32.62 -9.69 1.12
C ASP A 60 -33.04 -10.97 0.40
N ALA A 61 -32.05 -11.73 -0.07
CA ALA A 61 -32.27 -12.95 -0.82
C ALA A 61 -33.06 -14.01 -0.03
N VAL A 62 -32.78 -14.13 1.27
CA VAL A 62 -33.44 -15.15 2.11
C VAL A 62 -34.61 -14.62 2.95
N ARG A 63 -35.04 -13.38 2.71
CA ARG A 63 -36.24 -12.79 3.42
C ARG A 63 -37.49 -13.66 3.46
N ALA A 64 -37.79 -14.30 2.33
CA ALA A 64 -39.02 -15.10 2.22
C ALA A 64 -39.05 -16.28 3.21
N ALA A 65 -37.87 -16.70 3.69
CA ALA A 65 -37.79 -17.72 4.73
C ALA A 65 -38.20 -17.22 6.14
N LYS A 66 -38.40 -15.91 6.31
CA LYS A 66 -38.98 -15.29 7.51
C LYS A 66 -38.32 -15.77 8.81
N GLY A 67 -36.99 -15.63 8.89
CA GLY A 67 -36.22 -16.04 10.05
C GLY A 67 -35.39 -17.30 9.87
N GLY A 68 -35.75 -18.16 8.92
CA GLY A 68 -35.02 -19.42 8.74
C GLY A 68 -33.85 -19.42 7.77
N GLY A 69 -33.69 -18.35 6.97
CA GLY A 69 -32.62 -18.29 5.96
C GLY A 69 -31.29 -18.18 6.65
N VAL A 70 -30.25 -18.69 6.00
CA VAL A 70 -28.92 -18.77 6.60
C VAL A 70 -27.96 -18.00 5.73
N VAL A 71 -27.16 -17.15 6.38
CA VAL A 71 -26.09 -16.39 5.72
C VAL A 71 -24.83 -16.77 6.46
N ARG A 72 -23.78 -17.13 5.73
CA ARG A 72 -22.49 -17.44 6.34
C ARG A 72 -21.44 -16.46 5.86
N ILE A 73 -20.63 -15.98 6.79
CA ILE A 73 -19.40 -15.27 6.48
C ILE A 73 -18.25 -16.21 6.81
N ARG A 74 -17.46 -16.56 5.80
CA ARG A 74 -16.34 -17.49 5.97
C ARG A 74 -15.03 -16.78 5.65
N THR A 75 -14.02 -17.01 6.49
CA THR A 75 -12.66 -16.51 6.24
C THR A 75 -11.66 -17.62 6.26
N ALA A 76 -10.60 -17.48 5.47
CA ALA A 76 -9.58 -18.52 5.42
C ALA A 76 -8.29 -18.03 4.79
N ARG A 77 -7.23 -18.77 5.10
CA ARG A 77 -6.03 -18.80 4.27
C ARG A 77 -6.22 -19.96 3.31
N LEU A 78 -6.18 -19.67 2.02
CA LEU A 78 -6.28 -20.71 0.99
C LEU A 78 -4.91 -20.98 0.40
N THR A 79 -4.68 -22.22 0.01
CA THR A 79 -3.55 -22.55 -0.84
C THR A 79 -3.84 -22.02 -2.23
N ARG A 80 -2.79 -21.92 -3.06
CA ARG A 80 -2.95 -21.57 -4.47
C ARG A 80 -4.01 -22.43 -5.16
N ASP A 81 -3.91 -23.74 -5.00
CA ASP A 81 -4.84 -24.66 -5.65
C ASP A 81 -6.28 -24.49 -5.18
N GLU A 82 -6.47 -24.30 -3.87
CA GLU A 82 -7.81 -24.03 -3.33
C GLU A 82 -8.43 -22.76 -3.90
N ALA A 83 -7.61 -21.71 -4.02
CA ALA A 83 -8.07 -20.44 -4.56
C ALA A 83 -8.50 -20.58 -6.02
N ILE A 84 -7.72 -21.31 -6.82
CA ILE A 84 -8.09 -21.57 -8.22
C ILE A 84 -9.41 -22.35 -8.26
N GLN A 85 -9.49 -23.38 -7.45
CA GLN A 85 -10.69 -24.22 -7.35
C GLN A 85 -11.96 -23.42 -6.96
N LEU A 86 -11.79 -22.45 -6.08
CA LEU A 86 -12.88 -21.57 -5.61
C LEU A 86 -13.19 -20.37 -6.54
N GLY A 87 -12.43 -20.21 -7.61
CA GLY A 87 -12.74 -19.27 -8.70
C GLY A 87 -11.83 -18.07 -8.87
N PHE A 88 -10.55 -18.20 -8.48
CA PHE A 88 -9.54 -17.17 -8.69
C PHE A 88 -8.44 -17.77 -9.59
N PRO A 89 -8.62 -17.66 -10.92
CA PRO A 89 -7.73 -18.37 -11.85
C PRO A 89 -6.24 -17.98 -11.75
N ALA A 90 -5.96 -16.71 -11.44
CA ALA A 90 -4.60 -16.18 -11.41
C ALA A 90 -3.91 -16.27 -10.02
N ALA A 91 -4.48 -17.04 -9.10
CA ALA A 91 -3.84 -17.25 -7.80
C ALA A 91 -2.41 -17.77 -7.98
N ASP A 92 -1.45 -17.14 -7.28
CA ASP A 92 -0.02 -17.45 -7.42
C ASP A 92 0.65 -17.98 -6.13
N GLY A 93 -0.12 -18.14 -5.06
CA GLY A 93 0.40 -18.63 -3.78
C GLY A 93 -0.72 -18.63 -2.76
N ASP A 94 -0.38 -18.63 -1.47
CA ASP A 94 -1.38 -18.54 -0.40
C ASP A 94 -2.20 -17.27 -0.60
N THR A 95 -3.52 -17.36 -0.40
CA THR A 95 -4.45 -16.27 -0.70
C THR A 95 -5.43 -16.06 0.47
N ALA A 96 -5.72 -14.79 0.78
CA ALA A 96 -6.71 -14.44 1.81
C ALA A 96 -8.10 -14.57 1.20
N PHE A 97 -9.04 -15.10 1.98
CA PHE A 97 -10.38 -15.45 1.48
C PHE A 97 -11.43 -14.86 2.41
N ILE A 98 -12.37 -14.12 1.84
CA ILE A 98 -13.59 -13.68 2.56
C ILE A 98 -14.77 -14.09 1.67
N GLU A 99 -15.72 -14.81 2.23
CA GLU A 99 -16.86 -15.29 1.44
C GLU A 99 -18.17 -15.07 2.17
N VAL A 100 -19.12 -14.46 1.48
CA VAL A 100 -20.47 -14.29 2.01
C VAL A 100 -21.37 -15.20 1.21
N SER A 101 -21.99 -16.15 1.90
CA SER A 101 -22.79 -17.19 1.29
C SER A 101 -24.18 -17.20 1.87
N ASP A 102 -25.15 -17.61 1.09
CA ASP A 102 -26.51 -17.82 1.59
C ASP A 102 -27.17 -19.03 0.96
N ASP A 103 -28.27 -19.47 1.57
CA ASP A 103 -29.05 -20.58 1.06
C ASP A 103 -30.34 -20.10 0.38
N GLY A 104 -30.30 -18.90 -0.18
CA GLY A 104 -31.45 -18.31 -0.84
C GLY A 104 -31.68 -18.91 -2.21
N PRO A 105 -32.49 -18.23 -3.03
CA PRO A 105 -32.86 -18.75 -4.35
C PRO A 105 -31.77 -18.74 -5.41
N GLY A 106 -30.64 -18.06 -5.15
CA GLY A 106 -29.57 -18.00 -6.11
C GLY A 106 -29.84 -16.99 -7.21
N ILE A 107 -28.88 -16.85 -8.11
CA ILE A 107 -28.90 -15.81 -9.12
C ILE A 107 -29.25 -16.45 -10.45
N PRO A 108 -30.38 -16.03 -11.08
CA PRO A 108 -30.68 -16.60 -12.40
C PRO A 108 -29.53 -16.39 -13.39
N PRO A 109 -29.22 -17.42 -14.22
CA PRO A 109 -28.09 -17.30 -15.16
C PRO A 109 -28.16 -16.10 -16.11
N ASP A 110 -29.37 -15.71 -16.50
CA ASP A 110 -29.59 -14.53 -17.36
C ASP A 110 -29.35 -13.18 -16.65
N VAL A 111 -29.31 -13.20 -15.32
CA VAL A 111 -29.03 -12.03 -14.48
C VAL A 111 -27.55 -11.94 -14.12
N MET A 112 -26.88 -13.08 -14.01
CA MET A 112 -25.52 -13.14 -13.47
C MET A 112 -24.53 -12.15 -14.08
N GLY A 113 -24.55 -12.03 -15.41
CA GLY A 113 -23.63 -11.13 -16.11
C GLY A 113 -23.77 -9.64 -15.79
N LYS A 114 -24.92 -9.21 -15.26
CA LYS A 114 -25.17 -7.78 -15.02
C LYS A 114 -25.28 -7.38 -13.52
N ILE A 115 -25.06 -8.31 -12.60
CA ILE A 115 -25.26 -7.97 -11.17
C ILE A 115 -24.30 -6.88 -10.65
N PHE A 116 -23.12 -6.77 -11.23
CA PHE A 116 -22.15 -5.74 -10.83
C PHE A 116 -22.36 -4.39 -11.53
N ASP A 117 -23.30 -4.31 -12.46
CA ASP A 117 -23.58 -3.09 -13.21
C ASP A 117 -24.14 -2.04 -12.27
N PRO A 118 -23.59 -0.80 -12.32
CA PRO A 118 -24.23 0.29 -11.62
C PRO A 118 -25.70 0.37 -11.96
N PHE A 119 -26.52 0.40 -10.91
CA PHE A 119 -27.97 0.56 -10.98
C PHE A 119 -28.78 -0.70 -11.29
N PHE A 120 -28.15 -1.83 -11.63
CA PHE A 120 -28.92 -3.06 -11.82
C PHE A 120 -29.54 -3.53 -10.50
N THR A 121 -30.84 -3.80 -10.51
CA THR A 121 -31.57 -4.26 -9.33
C THR A 121 -32.79 -5.06 -9.75
N THR A 122 -33.21 -5.98 -8.91
CA THR A 122 -34.51 -6.65 -9.06
C THR A 122 -35.54 -6.11 -8.06
N LYS A 123 -35.19 -5.08 -7.29
CA LYS A 123 -36.13 -4.52 -6.30
C LYS A 123 -37.01 -3.45 -6.94
N PRO A 124 -38.18 -3.15 -6.33
CA PRO A 124 -39.04 -2.11 -6.89
C PRO A 124 -38.45 -0.70 -6.74
N VAL A 125 -39.00 0.25 -7.49
CA VAL A 125 -38.37 1.56 -7.72
C VAL A 125 -38.02 2.34 -6.44
N GLY A 126 -38.83 2.20 -5.40
CA GLY A 126 -38.58 2.93 -4.15
C GLY A 126 -37.54 2.37 -3.19
N GLU A 127 -36.98 1.19 -3.45
CA GLU A 127 -36.10 0.51 -2.50
C GLU A 127 -34.67 0.44 -3.04
N GLY A 128 -33.72 1.11 -2.39
CA GLY A 128 -32.31 1.08 -2.77
C GLY A 128 -31.99 1.79 -4.06
N THR A 129 -30.73 1.68 -4.46
CA THR A 129 -30.21 2.35 -5.66
C THR A 129 -29.70 1.40 -6.73
N GLY A 130 -29.34 0.18 -6.35
CA GLY A 130 -28.72 -0.76 -7.27
C GLY A 130 -27.22 -0.56 -7.44
N LEU A 131 -26.59 0.15 -6.49
CA LEU A 131 -25.15 0.32 -6.51
C LEU A 131 -24.37 -0.61 -5.58
N GLY A 132 -25.06 -1.34 -4.68
CA GLY A 132 -24.39 -2.20 -3.71
C GLY A 132 -23.24 -3.02 -4.26
N LEU A 133 -23.50 -3.77 -5.33
CA LEU A 133 -22.48 -4.66 -5.90
C LEU A 133 -21.46 -3.91 -6.77
N ALA A 134 -21.86 -2.81 -7.40
CA ALA A 134 -20.89 -1.96 -8.11
C ALA A 134 -19.85 -1.45 -7.13
N THR A 135 -20.30 -1.03 -5.95
CA THR A 135 -19.42 -0.56 -4.88
C THR A 135 -18.52 -1.69 -4.41
N VAL A 136 -19.10 -2.87 -4.19
CA VAL A 136 -18.30 -4.05 -3.78
C VAL A 136 -17.21 -4.34 -4.82
N TYR A 137 -17.59 -4.41 -6.08
CA TYR A 137 -16.63 -4.68 -7.15
C TYR A 137 -15.47 -3.69 -7.16
N GLY A 138 -15.80 -2.41 -7.11
CA GLY A 138 -14.80 -1.37 -7.07
C GLY A 138 -13.84 -1.51 -5.89
N ILE A 139 -14.38 -1.80 -4.72
CA ILE A 139 -13.59 -1.97 -3.49
C ILE A 139 -12.61 -3.14 -3.61
N VAL A 140 -13.11 -4.25 -4.14
CA VAL A 140 -12.28 -5.44 -4.34
C VAL A 140 -11.11 -5.13 -5.27
N LYS A 141 -11.38 -4.46 -6.40
CA LYS A 141 -10.31 -4.09 -7.33
C LYS A 141 -9.31 -3.07 -6.73
N GLN A 142 -9.82 -2.09 -5.98
CA GLN A 142 -8.96 -1.12 -5.26
C GLN A 142 -8.04 -1.80 -4.23
N SER A 143 -8.49 -2.92 -3.68
CA SER A 143 -7.72 -3.73 -2.75
C SER A 143 -6.82 -4.79 -3.44
N ASP A 144 -6.61 -4.66 -4.75
CA ASP A 144 -5.81 -5.58 -5.57
C ASP A 144 -6.32 -7.01 -5.49
N GLY A 145 -7.64 -7.13 -5.40
CA GLY A 145 -8.30 -8.41 -5.21
C GLY A 145 -9.07 -8.91 -6.43
N TRP A 146 -9.73 -10.02 -6.22
CA TRP A 146 -10.55 -10.69 -7.23
C TRP A 146 -11.84 -11.13 -6.55
N ILE A 147 -12.95 -11.03 -7.27
CA ILE A 147 -14.24 -11.50 -6.73
C ILE A 147 -14.84 -12.50 -7.72
N HIS A 148 -15.30 -13.61 -7.18
CA HIS A 148 -15.95 -14.66 -7.97
C HIS A 148 -17.31 -14.95 -7.35
N VAL A 149 -18.31 -15.15 -8.20
CA VAL A 149 -19.66 -15.46 -7.72
C VAL A 149 -20.01 -16.88 -8.14
N HIS A 150 -20.38 -17.71 -7.16
CA HIS A 150 -20.83 -19.08 -7.42
C HIS A 150 -22.29 -19.15 -7.00
N SER A 151 -23.18 -19.40 -7.97
CA SER A 151 -24.61 -19.45 -7.70
C SER A 151 -25.33 -20.08 -8.85
N ARG A 152 -26.24 -20.96 -8.51
CA ARG A 152 -27.23 -21.48 -9.45
C ARG A 152 -28.57 -21.46 -8.69
N PRO A 153 -29.70 -21.35 -9.42
CA PRO A 153 -31.00 -21.61 -8.79
C PRO A 153 -30.96 -22.96 -8.08
N ASN A 154 -31.50 -23.01 -6.86
CA ASN A 154 -31.38 -24.16 -5.92
C ASN A 154 -29.95 -24.44 -5.42
N GLU A 155 -29.06 -23.46 -5.54
CA GLU A 155 -27.72 -23.63 -5.02
C GLU A 155 -27.28 -22.43 -4.15
N GLY A 156 -28.19 -21.53 -3.75
CA GLY A 156 -27.80 -20.34 -2.96
C GLY A 156 -26.86 -19.50 -3.78
N ALA A 157 -26.25 -18.50 -3.14
CA ALA A 157 -25.22 -17.68 -3.77
C ALA A 157 -24.05 -17.48 -2.84
N ALA A 158 -22.82 -17.57 -3.38
CA ALA A 158 -21.59 -17.37 -2.64
C ALA A 158 -20.76 -16.31 -3.35
N PHE A 159 -20.46 -15.23 -2.65
CA PHE A 159 -19.65 -14.14 -3.16
C PHE A 159 -18.32 -14.24 -2.48
N ARG A 160 -17.28 -14.49 -3.27
CA ARG A 160 -15.97 -14.86 -2.79
C ARG A 160 -14.95 -13.77 -3.12
N ILE A 161 -14.35 -13.18 -2.10
CA ILE A 161 -13.32 -12.16 -2.26
C ILE A 161 -11.95 -12.78 -1.96
N PHE A 162 -11.02 -12.61 -2.90
CA PHE A 162 -9.68 -13.14 -2.77
C PHE A 162 -8.76 -11.94 -2.70
N LEU A 163 -7.97 -11.84 -1.62
CA LEU A 163 -7.04 -10.73 -1.44
C LEU A 163 -5.60 -11.24 -1.25
N PRO A 164 -4.60 -10.43 -1.68
CA PRO A 164 -3.22 -10.86 -1.47
C PRO A 164 -2.90 -10.97 0.02
N VAL A 165 -2.14 -12.00 0.38
CA VAL A 165 -1.60 -12.12 1.73
C VAL A 165 -0.49 -11.10 1.88
N TYR A 166 -0.56 -10.31 2.95
CA TYR A 166 0.50 -9.39 3.28
C TYR A 166 1.41 -10.06 4.31
N GLU A 167 2.70 -10.09 4.00
CA GLU A 167 3.68 -10.62 4.95
C GLU A 167 4.71 -9.56 5.28
N ALA A 168 4.67 -9.09 6.51
CA ALA A 168 5.58 -8.05 7.02
C ALA A 168 7.07 -8.40 6.86
N PRO A 169 7.40 -9.68 7.06
CA PRO A 169 8.75 -10.24 6.75
C PRO A 169 9.19 -10.26 5.28
N ALA A 170 8.28 -10.05 4.33
CA ALA A 170 8.69 -10.14 2.93
C ALA A 170 9.61 -8.98 2.59
N ALA A 171 10.66 -9.29 1.84
CA ALA A 171 11.57 -8.27 1.33
C ALA A 171 10.85 -7.32 0.40
N LEU A 172 11.26 -6.06 0.45
CA LEU A 172 10.75 -5.03 -0.43
C LEU A 172 10.91 -5.46 -1.86
N GLU A 173 9.83 -5.41 -2.65
CA GLU A 173 9.95 -5.58 -4.10
C GLU A 173 10.59 -4.31 -4.68
N HIS A 174 11.59 -4.46 -5.55
CA HIS A 174 12.30 -3.30 -6.09
C HIS A 174 12.96 -3.66 -7.41
N HIS A 175 13.33 -2.62 -8.13
CA HIS A 175 13.94 -2.75 -9.45
C HIS A 175 14.73 -1.50 -9.83
N HIS A 176 15.64 -1.65 -10.79
CA HIS A 176 16.56 -0.56 -11.19
C HIS A 176 16.04 0.27 -12.40
N HIS A 177 14.70 0.19 -12.54
CA HIS A 177 13.91 1.40 -12.77
C HIS A 177 12.56 1.25 -12.10
N ARG B 3 5.47 24.60 -5.87
CA ARG B 3 4.98 23.26 -5.41
C ARG B 3 4.06 22.61 -6.46
N GLU B 4 4.31 21.33 -6.76
CA GLU B 4 3.50 20.59 -7.73
C GLU B 4 3.38 19.13 -7.31
N VAL B 5 2.43 18.43 -7.94
CA VAL B 5 2.24 17.00 -7.75
C VAL B 5 3.30 16.26 -8.59
N LEU B 6 4.09 15.41 -7.91
CA LEU B 6 5.25 14.76 -8.51
C LEU B 6 5.18 13.28 -8.28
N ASP B 7 5.44 12.51 -9.34
CA ASP B 7 5.65 11.08 -9.19
C ASP B 7 7.06 10.88 -8.68
N LEU B 8 7.16 10.18 -7.56
CA LEU B 8 8.43 9.98 -6.87
C LEU B 8 9.45 9.20 -7.71
N GLY B 9 8.96 8.21 -8.47
CA GLY B 9 9.80 7.44 -9.40
C GLY B 9 10.35 8.25 -10.56
N GLU B 10 9.50 9.08 -11.16
CA GLU B 10 9.91 9.95 -12.27
C GLU B 10 10.93 11.02 -11.83
N LEU B 11 10.75 11.54 -10.62
CA LEU B 11 11.69 12.52 -10.05
C LEU B 11 13.13 12.00 -10.10
N ILE B 12 13.34 10.79 -9.62
CA ILE B 12 14.67 10.20 -9.57
C ILE B 12 15.15 9.74 -10.97
N SER B 13 14.32 9.02 -11.71
CA SER B 13 14.74 8.50 -13.03
C SER B 13 15.09 9.58 -14.05
N GLU B 14 14.33 10.67 -14.07
CA GLU B 14 14.64 11.82 -14.96
C GLU B 14 15.91 12.56 -14.55
N PHE B 15 16.18 12.61 -13.26
CA PHE B 15 17.37 13.28 -12.69
C PHE B 15 18.69 12.48 -12.83
N GLU B 16 18.57 11.15 -12.85
CA GLU B 16 19.70 10.19 -12.75
C GLU B 16 20.86 10.35 -13.73
N VAL B 17 20.56 10.68 -14.99
CA VAL B 17 21.60 10.80 -16.04
C VAL B 17 22.55 11.95 -15.71
N LEU B 18 22.00 13.09 -15.32
CA LEU B 18 22.83 14.22 -14.90
C LEU B 18 23.57 13.91 -13.61
N LEU B 19 22.93 13.21 -12.68
CA LEU B 19 23.55 12.89 -11.38
C LEU B 19 24.79 12.00 -11.57
N ARG B 20 24.69 11.02 -12.46
CA ARG B 20 25.82 10.16 -12.82
C ARG B 20 27.03 10.92 -13.36
N ARG B 21 26.80 11.99 -14.10
CA ARG B 21 27.88 12.89 -14.55
C ARG B 21 28.55 13.63 -13.41
N LEU B 22 27.73 14.13 -12.48
CA LEU B 22 28.23 14.86 -11.33
C LEU B 22 29.09 13.99 -10.44
N LEU B 23 28.65 12.74 -10.22
CA LEU B 23 29.40 11.81 -9.35
C LEU B 23 30.66 11.19 -9.97
N ARG B 24 30.79 11.31 -11.28
CA ARG B 24 31.88 10.70 -12.04
C ARG B 24 31.75 9.17 -11.95
N GLU B 25 32.84 8.43 -12.00
CA GLU B 25 32.74 6.97 -12.14
C GLU B 25 33.78 6.18 -11.34
N ASP B 26 34.28 6.80 -10.28
CA ASP B 26 34.98 6.10 -9.21
C ASP B 26 33.96 5.52 -8.23
N VAL B 27 32.81 6.19 -8.15
CA VAL B 27 31.81 5.94 -7.14
C VAL B 27 30.60 5.41 -7.88
N LYS B 28 30.28 4.13 -7.71
CA LYS B 28 29.19 3.53 -8.46
C LYS B 28 27.89 4.06 -7.86
N LEU B 29 26.89 4.24 -8.71
CA LEU B 29 25.54 4.66 -8.32
C LEU B 29 24.47 3.65 -8.72
N ILE B 30 23.68 3.20 -7.74
CA ILE B 30 22.54 2.31 -8.00
C ILE B 30 21.30 3.16 -7.81
N THR B 31 20.37 3.16 -8.78
CA THR B 31 19.05 3.76 -8.61
C THR B 31 18.09 2.63 -8.38
N ASP B 32 17.27 2.74 -7.34
CA ASP B 32 16.48 1.61 -6.87
C ASP B 32 15.07 2.05 -6.60
N TYR B 33 14.12 1.36 -7.20
CA TYR B 33 12.74 1.80 -7.17
C TYR B 33 11.80 0.75 -6.61
N GLY B 34 11.07 1.10 -5.56
CA GLY B 34 9.99 0.27 -5.05
C GLY B 34 8.84 0.24 -6.04
N ARG B 35 7.87 -0.65 -5.80
CA ARG B 35 6.68 -0.73 -6.64
C ARG B 35 5.59 0.19 -6.14
N ASP B 36 4.67 0.56 -7.01
CA ASP B 36 3.47 1.34 -6.66
C ASP B 36 3.90 2.61 -5.90
N LEU B 37 4.81 3.37 -6.51
CA LEU B 37 5.39 4.52 -5.86
C LEU B 37 4.34 5.61 -5.73
N PRO B 38 4.35 6.33 -4.59
CA PRO B 38 3.34 7.34 -4.38
C PRO B 38 3.67 8.64 -5.10
N GLN B 39 2.67 9.50 -5.17
CA GLN B 39 2.87 10.88 -5.56
C GLN B 39 3.13 11.68 -4.28
N VAL B 40 3.83 12.80 -4.43
CA VAL B 40 4.06 13.76 -3.37
C VAL B 40 3.79 15.17 -3.90
N ARG B 41 3.63 16.13 -3.01
CA ARG B 41 3.51 17.54 -3.37
C ARG B 41 4.72 18.29 -2.85
N ALA B 42 5.52 18.84 -3.76
CA ALA B 42 6.78 19.49 -3.40
C ALA B 42 7.27 20.36 -4.54
N ASP B 43 8.26 21.18 -4.23
CA ASP B 43 8.96 21.97 -5.23
C ASP B 43 10.00 21.03 -5.85
N LYS B 44 9.84 20.73 -7.14
CA LYS B 44 10.70 19.78 -7.83
C LYS B 44 12.19 20.15 -7.78
N SER B 45 12.50 21.41 -8.10
CA SER B 45 13.90 21.84 -8.16
C SER B 45 14.55 21.80 -6.79
N GLN B 46 13.77 22.09 -5.75
CA GLN B 46 14.25 21.96 -4.37
C GLN B 46 14.54 20.49 -4.01
N LEU B 47 13.65 19.57 -4.33
CA LEU B 47 13.91 18.15 -4.04
C LEU B 47 15.11 17.63 -4.80
N GLU B 48 15.24 18.03 -6.06
CA GLU B 48 16.43 17.72 -6.86
C GLU B 48 17.70 18.24 -6.19
N THR B 49 17.68 19.48 -5.69
CA THR B 49 18.81 20.02 -4.93
C THR B 49 19.13 19.19 -3.71
N ALA B 50 18.09 18.84 -2.94
CA ALA B 50 18.29 18.02 -1.72
C ALA B 50 18.95 16.67 -2.05
N VAL B 51 18.43 15.98 -3.05
CA VAL B 51 18.96 14.69 -3.47
C VAL B 51 20.39 14.83 -3.98
N MET B 52 20.63 15.85 -4.80
CA MET B 52 21.95 16.14 -5.32
C MET B 52 22.97 16.37 -4.19
N ASN B 53 22.59 17.16 -3.19
CA ASN B 53 23.49 17.42 -2.07
C ASN B 53 23.85 16.15 -1.28
N LEU B 54 22.85 15.29 -1.07
CA LEU B 54 23.07 14.01 -0.41
C LEU B 54 23.97 13.10 -1.25
N ALA B 55 23.69 13.03 -2.55
CA ALA B 55 24.47 12.18 -3.46
C ALA B 55 25.94 12.58 -3.51
N VAL B 56 26.22 13.89 -3.60
CA VAL B 56 27.59 14.37 -3.61
C VAL B 56 28.31 14.08 -2.27
N ASN B 57 27.60 14.22 -1.15
CA ASN B 57 28.15 13.83 0.16
C ASN B 57 28.53 12.36 0.20
N ALA B 58 27.68 11.51 -0.36
CA ALA B 58 27.96 10.08 -0.46
C ALA B 58 29.20 9.84 -1.30
N ARG B 59 29.29 10.52 -2.44
CA ARG B 59 30.49 10.44 -3.28
C ARG B 59 31.76 10.89 -2.54
N ASP B 60 31.70 12.04 -1.87
CA ASP B 60 32.81 12.53 -1.06
C ASP B 60 33.26 11.50 0.00
N ALA B 61 32.27 10.93 0.70
CA ALA B 61 32.51 9.92 1.73
C ALA B 61 33.23 8.67 1.19
N VAL B 62 32.84 8.17 0.02
CA VAL B 62 33.43 6.94 -0.51
C VAL B 62 34.61 7.18 -1.47
N ARG B 63 35.05 8.44 -1.59
CA ARG B 63 36.18 8.79 -2.43
C ARG B 63 37.38 9.07 -1.54
N ALA B 64 37.19 9.93 -0.54
CA ALA B 64 38.23 10.18 0.47
C ALA B 64 38.47 8.91 1.29
N ALA B 65 37.94 8.28 1.55
CA ALA B 65 38.23 7.24 2.54
C ALA B 65 38.97 6.02 2.01
N LYS B 66 38.96 5.80 0.70
CA LYS B 66 39.24 4.47 0.14
C LYS B 66 39.47 4.57 -1.34
N GLY B 67 38.45 5.04 -2.05
CA GLY B 67 38.45 4.95 -3.51
C GLY B 67 38.04 3.54 -3.89
N GLY B 68 36.80 3.42 -4.31
CA GLY B 68 36.09 2.14 -4.36
C GLY B 68 34.90 2.35 -3.44
N GLY B 69 33.81 2.51 -3.97
CA GLY B 69 32.55 2.84 -3.28
C GLY B 69 31.22 2.73 -4.03
N VAL B 70 30.12 2.57 -3.28
CA VAL B 70 28.78 2.51 -3.88
C VAL B 70 27.78 3.41 -3.13
N VAL B 71 26.93 4.07 -3.91
CA VAL B 71 25.90 4.97 -3.42
C VAL B 71 24.60 4.45 -4.02
N ARG B 72 23.56 4.29 -3.18
CA ARG B 72 22.24 3.91 -3.66
C ARG B 72 21.24 5.02 -3.39
N ILE B 73 20.45 5.34 -4.41
CA ILE B 73 19.27 6.19 -4.25
C ILE B 73 18.08 5.26 -4.34
N ARG B 74 17.33 5.19 -3.25
CA ARG B 74 16.18 4.33 -3.18
C ARG B 74 14.93 5.17 -3.02
N THR B 75 13.88 4.80 -3.74
CA THR B 75 12.57 5.35 -3.46
C THR B 75 11.51 4.24 -3.26
N ALA B 76 10.58 4.48 -2.34
CA ALA B 76 9.60 3.46 -1.93
C ALA B 76 8.34 4.10 -1.39
N ARG B 77 7.26 3.32 -1.45
CA ARG B 77 6.12 3.50 -0.56
C ARG B 77 6.38 2.64 0.65
N LEU B 78 6.39 3.24 1.84
CA LEU B 78 6.52 2.50 3.09
C LEU B 78 5.18 2.38 3.76
N THR B 79 4.97 1.28 4.47
CA THR B 79 3.87 1.18 5.40
C THR B 79 4.19 2.05 6.62
N ARG B 80 3.16 2.36 7.40
CA ARG B 80 3.36 3.09 8.66
C ARG B 80 4.44 2.44 9.52
N ASP B 81 4.35 1.12 9.72
CA ASP B 81 5.30 0.41 10.58
C ASP B 81 6.72 0.45 10.06
N GLU B 82 6.87 0.30 8.73
CA GLU B 82 8.20 0.42 8.11
C GLU B 82 8.81 1.81 8.30
N ALA B 83 7.99 2.85 8.15
CA ALA B 83 8.46 4.23 8.32
C ALA B 83 8.92 4.48 9.77
N ILE B 84 8.16 3.96 10.74
CA ILE B 84 8.57 4.07 12.16
C ILE B 84 9.89 3.34 12.39
N GLN B 85 9.97 2.13 11.87
CA GLN B 85 11.18 1.31 11.94
C GLN B 85 12.42 2.03 11.37
N LEU B 86 12.22 2.73 10.24
CA LEU B 86 13.30 3.43 9.52
C LEU B 86 13.64 4.82 10.08
N GLY B 87 12.89 5.26 11.09
CA GLY B 87 13.22 6.46 11.89
C GLY B 87 12.30 7.65 11.78
N PHE B 88 11.02 7.41 11.46
CA PHE B 88 10.00 8.45 11.40
C PHE B 88 8.92 8.12 12.45
N PRO B 89 9.12 8.57 13.70
CA PRO B 89 8.25 8.10 14.80
C PRO B 89 6.77 8.45 14.62
N ALA B 90 6.49 9.59 14.00
CA ALA B 90 5.11 10.09 13.88
C ALA B 90 4.37 9.61 12.63
N ALA B 91 4.92 8.64 11.89
CA ALA B 91 4.26 8.12 10.71
C ALA B 91 2.84 7.65 11.07
N ASP B 92 1.85 8.07 10.29
CA ASP B 92 0.43 7.74 10.57
C ASP B 92 -0.24 6.91 9.47
N GLY B 93 0.51 6.52 8.44
CA GLY B 93 -0.04 5.73 7.34
C GLY B 93 1.05 5.48 6.34
N ASP B 94 0.66 5.16 5.11
CA ASP B 94 1.66 5.01 4.02
C ASP B 94 2.47 6.29 3.86
N THR B 95 3.77 6.16 3.63
CA THR B 95 4.70 7.28 3.61
C THR B 95 5.64 7.17 2.39
N ALA B 96 5.92 8.31 1.75
CA ALA B 96 6.87 8.37 0.63
C ALA B 96 8.28 8.41 1.19
N PHE B 97 9.19 7.66 0.56
CA PHE B 97 10.54 7.46 1.10
C PHE B 97 11.57 7.73 0.00
N ILE B 98 12.53 8.59 0.31
CA ILE B 98 13.73 8.79 -0.51
C ILE B 98 14.92 8.57 0.40
N GLU B 99 15.82 7.68 0.03
CA GLU B 99 16.97 7.38 0.85
C GLU B 99 18.24 7.38 0.01
N VAL B 100 19.23 8.13 0.46
CA VAL B 100 20.55 8.11 -0.16
C VAL B 100 21.43 7.38 0.82
N SER B 101 21.94 6.24 0.38
CA SER B 101 22.69 5.31 1.24
C SER B 101 24.07 5.03 0.60
N ASP B 102 25.11 4.93 1.41
CA ASP B 102 26.45 4.61 0.90
C ASP B 102 27.13 3.57 1.78
N ASP B 103 28.21 2.99 1.24
CA ASP B 103 29.02 2.05 2.01
C ASP B 103 30.34 2.67 2.45
N GLY B 104 30.35 3.97 2.70
CA GLY B 104 31.53 4.68 3.13
C GLY B 104 31.88 4.47 4.58
N PRO B 105 32.78 5.33 5.11
CA PRO B 105 33.22 5.20 6.50
C PRO B 105 32.18 5.59 7.54
N GLY B 106 31.05 6.18 7.14
CA GLY B 106 30.03 6.56 8.09
C GLY B 106 30.38 7.86 8.76
N ILE B 107 29.52 8.28 9.66
CA ILE B 107 29.65 9.56 10.31
C ILE B 107 30.15 9.28 11.72
N PRO B 108 31.34 9.80 12.09
CA PRO B 108 31.78 9.62 13.48
C PRO B 108 30.76 10.18 14.48
N PRO B 109 30.52 9.45 15.60
CA PRO B 109 29.50 9.88 16.58
C PRO B 109 29.71 11.30 17.12
N ASP B 110 30.97 11.71 17.26
CA ASP B 110 31.32 13.07 17.71
C ASP B 110 31.03 14.18 16.69
N VAL B 111 30.83 13.81 15.42
CA VAL B 111 30.46 14.78 14.38
C VAL B 111 28.94 14.77 14.09
N MET B 112 28.26 13.66 14.38
CA MET B 112 26.83 13.50 14.03
C MET B 112 25.93 14.66 14.43
N GLY B 113 26.12 15.14 15.65
CA GLY B 113 25.28 16.22 16.19
C GLY B 113 25.36 17.56 15.48
N LYS B 114 26.42 17.77 14.70
CA LYS B 114 26.65 19.04 14.01
C LYS B 114 26.48 19.05 12.51
N ILE B 115 26.18 17.90 11.91
CA ILE B 115 26.22 17.82 10.44
C ILE B 115 25.24 18.75 9.72
N PHE B 116 24.10 19.07 10.34
CA PHE B 116 23.11 19.96 9.73
C PHE B 116 23.37 21.46 10.00
N ASP B 117 24.37 21.77 10.84
CA ASP B 117 24.69 23.16 11.20
C ASP B 117 25.22 23.91 9.99
N PRO B 118 24.70 25.13 9.70
CA PRO B 118 25.31 25.94 8.65
C PRO B 118 26.81 26.08 8.85
N PHE B 119 27.56 25.77 7.80
CA PHE B 119 29.02 25.90 7.74
C PHE B 119 29.83 24.76 8.34
N PHE B 120 29.17 23.82 9.05
CA PHE B 120 29.92 22.71 9.61
C PHE B 120 30.43 21.81 8.51
N THR B 121 31.71 21.49 8.57
CA THR B 121 32.31 20.59 7.60
C THR B 121 33.50 19.86 8.24
N THR B 122 33.76 18.64 7.77
CA THR B 122 35.01 17.94 8.08
C THR B 122 35.97 17.98 6.90
N LYS B 123 35.59 18.69 5.83
CA LYS B 123 36.36 18.71 4.59
C LYS B 123 37.35 19.87 4.66
N PRO B 124 38.44 19.81 3.86
CA PRO B 124 39.38 20.92 3.89
C PRO B 124 38.79 22.21 3.31
N VAL B 125 39.45 23.32 3.61
CA VAL B 125 38.88 24.66 3.35
C VAL B 125 38.49 24.92 1.89
N GLY B 126 39.20 24.33 0.95
CA GLY B 126 38.94 24.58 -0.46
C GLY B 126 37.80 23.80 -1.11
N GLU B 127 37.17 22.86 -0.39
CA GLU B 127 36.22 21.93 -1.06
C GLU B 127 34.78 22.38 -1.23
N GLY B 128 34.28 23.19 -0.31
CA GLY B 128 32.89 23.62 -0.41
C GLY B 128 32.62 24.75 0.56
N THR B 129 31.38 24.87 1.02
CA THR B 129 30.98 25.90 1.99
C THR B 129 30.55 25.35 3.36
N GLY B 130 30.15 24.08 3.40
CA GLY B 130 29.55 23.48 4.60
C GLY B 130 28.06 23.79 4.77
N LEU B 131 27.38 24.18 3.70
CA LEU B 131 25.93 24.40 3.73
C LEU B 131 25.09 23.27 3.14
N GLY B 132 25.70 22.28 2.51
CA GLY B 132 24.94 21.21 1.81
C GLY B 132 23.79 20.64 2.62
N LEU B 133 24.07 20.22 3.85
CA LEU B 133 23.06 19.58 4.69
C LEU B 133 22.12 20.58 5.35
N ALA B 134 22.58 21.81 5.61
CA ALA B 134 21.68 22.88 6.09
C ALA B 134 20.61 23.14 5.05
N THR B 135 21.01 23.19 3.78
CA THR B 135 20.08 23.34 2.67
C THR B 135 19.11 22.14 2.57
N VAL B 136 19.64 20.93 2.66
CA VAL B 136 18.81 19.71 2.65
C VAL B 136 17.74 19.79 3.74
N TYR B 137 18.18 20.07 4.96
CA TYR B 137 17.28 20.11 6.10
C TYR B 137 16.13 21.09 5.87
N GLY B 138 16.48 22.29 5.41
CA GLY B 138 15.48 23.32 5.14
C GLY B 138 14.46 22.89 4.08
N ILE B 139 14.95 22.25 3.04
CA ILE B 139 14.10 21.72 1.96
C ILE B 139 13.12 20.65 2.46
N VAL B 140 13.62 19.71 3.25
CA VAL B 140 12.79 18.62 3.81
C VAL B 140 11.66 19.23 4.65
N LYS B 141 11.99 20.18 5.52
CA LYS B 141 10.96 20.78 6.40
C LYS B 141 9.96 21.63 5.60
N GLN B 142 10.43 22.35 4.59
CA GLN B 142 9.56 23.10 3.68
C GLN B 142 8.59 22.20 2.90
N SER B 143 9.02 20.96 2.64
CA SER B 143 8.19 19.93 1.99
C SER B 143 7.30 19.13 2.98
N ASP B 144 7.13 19.63 4.21
CA ASP B 144 6.36 18.99 5.28
C ASP B 144 6.85 17.59 5.61
N GLY B 145 8.17 17.41 5.51
CA GLY B 145 8.80 16.09 5.65
C GLY B 145 9.61 15.92 6.92
N TRP B 146 10.26 14.76 7.00
CA TRP B 146 11.09 14.35 8.14
C TRP B 146 12.33 13.72 7.58
N ILE B 147 13.48 13.98 8.20
CA ILE B 147 14.72 13.37 7.79
C ILE B 147 15.36 12.67 8.98
N HIS B 148 15.80 11.44 8.75
CA HIS B 148 16.51 10.65 9.76
C HIS B 148 17.84 10.15 9.19
N VAL B 149 18.90 10.17 10.01
CA VAL B 149 20.23 9.71 9.58
C VAL B 149 20.57 8.45 10.36
N HIS B 150 20.90 7.37 9.63
CA HIS B 150 21.40 6.14 10.22
C HIS B 150 22.84 5.93 9.78
N SER B 151 23.78 5.92 10.72
CA SER B 151 25.19 5.69 10.37
C SER B 151 26.06 4.98 11.42
N ARG B 152 26.72 3.89 10.98
CA ARG B 152 27.61 3.06 11.80
C ARG B 152 29.00 3.30 11.20
N PRO B 153 29.96 3.80 12.01
CA PRO B 153 31.32 3.96 11.46
C PRO B 153 31.89 2.71 10.76
N ASN B 154 32.57 2.95 9.63
CA ASN B 154 33.18 1.92 8.77
C ASN B 154 32.19 1.00 8.08
N GLU B 155 30.90 1.36 8.08
CA GLU B 155 29.87 0.54 7.48
C GLU B 155 29.19 1.33 6.36
N GLY B 156 28.57 2.43 6.78
CA GLY B 156 28.01 3.42 5.87
C GLY B 156 27.15 4.51 6.50
N ALA B 157 26.53 5.33 5.65
CA ALA B 157 25.55 6.33 6.08
C ALA B 157 24.32 6.28 5.20
N ALA B 158 23.15 6.40 5.82
CA ALA B 158 21.87 6.42 5.11
C ALA B 158 21.10 7.65 5.55
N PHE B 159 20.77 8.52 4.59
CA PHE B 159 20.01 9.72 4.84
C PHE B 159 18.64 9.46 4.26
N ARG B 160 17.64 9.49 5.14
CA ARG B 160 16.29 9.03 4.83
C ARG B 160 15.32 10.20 4.91
N ILE B 161 14.66 10.50 3.79
CA ILE B 161 13.65 11.54 3.72
C ILE B 161 12.28 10.87 3.65
N PHE B 162 11.37 11.30 4.53
CA PHE B 162 10.01 10.81 4.58
C PHE B 162 9.10 11.96 4.22
N LEU B 163 8.26 11.77 3.20
CA LEU B 163 7.35 12.82 2.75
C LEU B 163 5.91 12.31 2.77
N PRO B 164 4.93 13.22 3.01
CA PRO B 164 3.53 12.78 2.96
C PRO B 164 3.12 12.29 1.58
N VAL B 165 2.34 11.21 1.54
CA VAL B 165 1.77 10.72 0.28
C VAL B 165 0.66 11.68 -0.13
N TYR B 166 0.67 12.11 -1.39
CA TYR B 166 -0.41 12.88 -1.98
C TYR B 166 -1.32 11.92 -2.74
N GLU B 167 -2.60 11.91 -2.43
CA GLU B 167 -3.56 11.10 -3.20
C GLU B 167 -4.69 11.90 -3.83
N ALA B 168 -4.70 11.85 -5.16
CA ALA B 168 -5.91 12.00 -5.96
C ALA B 168 -6.92 10.97 -5.49
N PRO B 169 -8.17 11.39 -5.27
CA PRO B 169 -9.27 10.45 -5.06
C PRO B 169 -9.33 9.48 -6.23
N ALA B 170 -9.20 8.17 -5.92
CA ALA B 170 -9.19 7.09 -6.91
C ALA B 170 -10.59 6.49 -7.13
N ALA B 171 -11.13 6.69 -8.34
CA ALA B 171 -12.43 6.16 -8.72
C ALA B 171 -12.39 4.64 -8.86
N LEU B 172 -13.49 4.03 -8.46
CA LEU B 172 -13.69 2.60 -8.54
C LEU B 172 -13.73 2.09 -10.01
N GLU B 173 -13.17 0.89 -10.23
CA GLU B 173 -13.25 0.21 -11.52
C GLU B 173 -14.63 -0.44 -11.69
N HIS B 174 -14.94 -0.78 -12.93
CA HIS B 174 -16.25 -1.29 -13.34
C HIS B 174 -16.17 -2.64 -14.02
N HIS B 175 -16.99 -3.60 -13.59
CA HIS B 175 -17.05 -4.90 -14.27
C HIS B 175 -17.62 -4.73 -15.68
N HIS B 176 -17.07 -5.44 -16.66
CA HIS B 176 -17.46 -5.29 -18.08
C HIS B 176 -17.30 -3.88 -18.66
N HIS B 177 -16.24 -3.19 -18.22
CA HIS B 177 -15.84 -1.93 -18.83
C HIS B 177 -15.56 -2.10 -20.33
N HIS B 178 -15.12 -3.30 -20.73
CA HIS B 178 -14.97 -3.67 -22.14
C HIS B 178 -14.09 -2.71 -22.93
N HIS B 179 -12.99 -2.26 -22.32
CA HIS B 179 -11.93 -1.54 -22.97
C HIS B 179 -10.64 -2.35 -22.81
PG ANP C . -28.98 -1.68 -2.98
O1G ANP C . -27.90 -2.65 -2.56
O2G ANP C . -28.38 -0.52 -3.75
O3G ANP C . -29.85 -1.15 -1.90
PB ANP C . -29.72 -4.03 -4.68
O1B ANP C . -29.44 -4.93 -3.52
O2B ANP C . -30.85 -4.41 -5.59
N3B ANP C . -30.11 -2.47 -4.03
PA ANP C . -27.04 -4.69 -5.45
O1A ANP C . -26.06 -4.11 -6.41
O2A ANP C . -26.63 -4.87 -4.02
O3A ANP C . -28.37 -3.82 -5.56
O5' ANP C . -27.53 -6.11 -6.02
C5' ANP C . -27.96 -6.20 -7.37
C4' ANP C . -28.89 -7.39 -7.60
O4' ANP C . -28.13 -8.59 -7.64
C3' ANP C . -29.97 -7.62 -6.54
O3' ANP C . -31.11 -6.78 -6.70
C2' ANP C . -30.27 -9.08 -6.78
O2' ANP C . -31.17 -9.23 -7.87
C1' ANP C . -28.92 -9.66 -7.15
N9 ANP C . -28.27 -10.24 -5.96
C8 ANP C . -27.30 -9.69 -5.21
N7 ANP C . -26.95 -10.52 -4.22
C5 ANP C . -27.71 -11.61 -4.33
C6 ANP C . -27.86 -12.88 -3.59
N6 ANP C . -27.09 -13.12 -2.50
N1 ANP C . -28.78 -13.76 -4.04
C2 ANP C . -29.56 -13.54 -5.11
N3 ANP C . -29.47 -12.39 -5.84
C4 ANP C . -28.58 -11.42 -5.49
MG MG D . -27.78 -4.59 -2.33
P1 C2E E . -8.41 -5.77 -15.95
O2P C2E E . -8.64 -5.08 -14.62
O1P C2E E . -7.12 -6.42 -16.30
O5' C2E E . -9.58 -6.87 -16.09
C5' C2E E . -9.71 -7.64 -17.28
C4' C2E E . -10.97 -8.48 -17.23
O4' C2E E . -10.92 -9.47 -16.20
C3' C2E E . -12.23 -7.66 -16.93
O3' C2E E . -12.73 -7.04 -18.08
C2' C2E E . -13.18 -8.69 -16.39
O2' C2E E . -13.81 -9.46 -17.43
C1' C2E E . -12.24 -9.59 -15.63
N9 C2E E . -12.10 -9.29 -14.19
C8 C2E E . -11.18 -8.48 -13.62
N7 C2E E . -11.31 -8.51 -12.28
C5 C2E E . -12.31 -9.38 -12.00
C6 C2E E . -12.93 -9.90 -10.77
O6 C2E E . -12.54 -9.50 -9.67
N1 C2E E . -13.93 -10.80 -10.89
C2 C2E E . -14.37 -11.24 -12.10
N2 C2E E . -15.38 -12.14 -12.14
N3 C2E E . -13.83 -10.81 -13.27
C4 C2E E . -12.81 -9.91 -13.26
P11 C2E E . -13.58 -5.68 -17.96
O21 C2E E . -14.39 -5.75 -16.68
O11 C2E E . -14.29 -5.54 -19.29
O5A C2E E . -12.45 -4.55 -17.77
C5A C2E E . -11.49 -4.33 -18.78
C4A C2E E . -10.40 -3.40 -18.29
O4A C2E E . -10.92 -2.09 -18.09
C3A C2E E . -9.78 -3.77 -16.96
O3A C2E E . -8.77 -4.76 -17.15
C2A C2E E . -9.24 -2.45 -16.47
O2A C2E E . -7.94 -2.22 -16.98
C1A C2E E . -10.12 -1.41 -17.12
N91 C2E E . -11.15 -0.72 -16.31
C81 C2E E . -12.14 -1.30 -15.60
N71 C2E E . -12.95 -0.37 -15.05
C51 C2E E . -12.48 0.83 -15.44
C61 C2E E . -12.84 2.24 -15.22
O61 C2E E . -13.85 2.52 -14.52
N11 C2E E . -12.08 3.19 -15.79
C21 C2E E . -10.99 2.89 -16.55
N21 C2E E . -10.27 3.90 -17.10
N31 C2E E . -10.58 1.61 -16.78
C41 C2E E . -11.28 0.59 -16.27
PG ANP F . 29.41 21.26 0.88
O1G ANP F . 30.27 20.98 -0.32
O2G ANP F . 28.18 20.41 1.06
O3G ANP F . 29.08 22.73 1.06
PB ANP F . 30.15 19.55 3.22
O1B ANP F . 31.27 19.41 4.21
O2B ANP F . 29.81 18.36 2.37
N3B ANP F . 30.49 20.89 2.19
PA ANP F . 27.52 19.19 4.26
O1A ANP F . 26.61 20.10 5.04
O2A ANP F . 27.05 18.58 2.96
O3A ANP F . 28.86 20.03 4.07
O5' ANP F . 27.99 18.00 5.23
C5' ANP F . 28.53 18.30 6.50
C4' ANP F . 29.35 17.13 7.03
O4' ANP F . 28.54 15.98 7.30
C3' ANP F . 30.41 16.65 6.06
O3' ANP F . 31.52 17.54 6.04
C2' ANP F . 30.68 15.26 6.63
O2' ANP F . 31.57 15.33 7.75
C1' ANP F . 29.30 14.80 7.08
N9 ANP F . 28.62 13.93 6.09
C8 ANP F . 27.57 14.27 5.30
N7 ANP F . 27.18 13.22 4.53
C5 ANP F . 27.99 12.20 4.83
C6 ANP F . 28.15 10.81 4.39
N6 ANP F . 27.35 10.27 3.44
N1 ANP F . 29.12 10.07 4.97
C2 ANP F . 29.95 10.57 5.92
N3 ANP F . 29.87 11.83 6.35
C4 ANP F . 28.93 12.68 5.86
MG MG G . 28.10 18.43 1.22
#